data_4N05
#
_entry.id   4N05
#
_cell.length_a   74.362
_cell.length_b   88.673
_cell.length_c   74.370
_cell.angle_alpha   90.00
_cell.angle_beta   111.00
_cell.angle_gamma   90.00
#
_symmetry.space_group_name_H-M   'P 1 21 1'
#
loop_
_entity.id
_entity.type
_entity.pdbx_description
1 polymer 'Putative ryanodine receptor'
2 non-polymer GLYCEROL
3 water water
#
_entity_poly.entity_id   1
_entity_poly.type   'polypeptide(L)'
_entity_poly.pdbx_seq_one_letter_code
;SNA(MSE)KENKLDYIPEP(MSE)DLSLVDLPESLIQLSERIAENVHEVWAKAAIDEGWTYGEKRDDIHKKHPCLVPYDE
LPEEEKEYDRNTA(MSE)NTIK(MSE)VKKLGFRIEKED
;
_entity_poly.pdbx_strand_id   B,A,C,D,E,F
#
loop_
_chem_comp.id
_chem_comp.type
_chem_comp.name
_chem_comp.formula
GOL non-polymer GLYCEROL 'C3 H8 O3'
#
# COMPACT_ATOMS: atom_id res chain seq x y z
N ASP A 10 -0.04 -8.28 -29.53
CA ASP A 10 -0.05 -9.61 -28.93
C ASP A 10 -0.07 -9.51 -27.40
N TYR A 11 0.15 -8.31 -26.88
CA TYR A 11 0.10 -8.05 -25.44
C TYR A 11 -1.26 -7.52 -24.98
N ILE A 12 -1.91 -8.28 -24.12
CA ILE A 12 -3.17 -7.89 -23.52
C ILE A 12 -3.02 -7.84 -22.00
N PRO A 13 -3.03 -6.62 -21.43
CA PRO A 13 -2.94 -6.46 -19.98
C PRO A 13 -4.09 -7.19 -19.28
N GLU A 14 -3.79 -7.99 -18.26
CA GLU A 14 -4.85 -8.62 -17.48
C GLU A 14 -4.60 -8.44 -15.98
N PRO A 15 -4.99 -7.27 -15.47
CA PRO A 15 -4.77 -6.93 -14.06
C PRO A 15 -5.60 -7.83 -13.18
N MSE A 16 -5.18 -7.97 -11.93
CA MSE A 16 -5.90 -8.80 -11.00
C MSE A 16 -7.21 -8.13 -10.61
O MSE A 16 -7.26 -6.91 -10.46
CB MSE A 16 -5.06 -9.02 -9.77
CG MSE A 16 -5.46 -10.22 -8.95
SE MSE A 16 -3.88 -10.95 -8.15
CE MSE A 16 -4.68 -12.53 -7.33
N ASP A 17 -8.26 -8.92 -10.46
CA ASP A 17 -9.55 -8.40 -10.01
C ASP A 17 -9.51 -8.18 -8.51
N LEU A 18 -9.38 -6.92 -8.11
CA LEU A 18 -9.37 -6.55 -6.70
C LEU A 18 -10.70 -5.90 -6.29
N SER A 19 -11.73 -6.12 -7.09
CA SER A 19 -13.07 -5.58 -6.81
C SER A 19 -13.63 -5.95 -5.44
N LEU A 20 -13.39 -7.18 -5.03
CA LEU A 20 -13.90 -7.72 -3.78
C LEU A 20 -12.93 -7.55 -2.62
N VAL A 21 -11.89 -6.75 -2.80
CA VAL A 21 -10.95 -6.55 -1.72
C VAL A 21 -11.42 -5.37 -0.89
N ASP A 22 -11.54 -5.57 0.41
CA ASP A 22 -12.06 -4.53 1.28
C ASP A 22 -10.99 -3.95 2.20
N LEU A 23 -10.88 -2.63 2.19
CA LEU A 23 -9.95 -1.93 3.04
C LEU A 23 -10.71 -1.17 4.12
N PRO A 24 -10.05 -0.88 5.23
CA PRO A 24 -10.59 0.02 6.25
C PRO A 24 -10.96 1.40 5.71
N GLU A 25 -12.15 1.89 6.06
CA GLU A 25 -12.59 3.19 5.59
C GLU A 25 -11.64 4.30 6.03
N SER A 26 -11.08 4.12 7.22
CA SER A 26 -10.19 5.10 7.79
C SER A 26 -8.98 5.28 6.89
N LEU A 27 -8.61 4.22 6.18
CA LEU A 27 -7.48 4.29 5.27
C LEU A 27 -7.90 4.96 3.97
N ILE A 28 -9.00 4.50 3.38
CA ILE A 28 -9.50 5.11 2.16
C ILE A 28 -9.71 6.60 2.34
N GLN A 29 -10.18 6.99 3.53
CA GLN A 29 -10.31 8.40 3.87
C GLN A 29 -9.01 9.18 3.66
N LEU A 30 -7.88 8.50 3.85
CA LEU A 30 -6.58 9.14 3.69
C LEU A 30 -5.99 9.07 2.27
N SER A 31 -6.79 8.59 1.32
CA SER A 31 -6.28 8.28 -0.01
C SER A 31 -5.59 9.49 -0.68
N GLU A 32 -6.10 10.69 -0.44
CA GLU A 32 -5.48 11.87 -1.02
C GLU A 32 -4.10 12.15 -0.47
N ARG A 33 -3.95 11.91 0.83
CA ARG A 33 -2.66 12.11 1.49
C ARG A 33 -1.59 11.25 0.87
N ILE A 34 -1.95 10.00 0.58
CA ILE A 34 -1.03 9.04 0.03
C ILE A 34 -0.72 9.43 -1.40
N ALA A 35 -1.78 9.65 -2.17
CA ALA A 35 -1.66 10.09 -3.55
C ALA A 35 -0.83 11.36 -3.67
N GLU A 36 -1.07 12.33 -2.79
CA GLU A 36 -0.21 13.51 -2.76
C GLU A 36 1.25 13.13 -2.50
N ASN A 37 1.51 12.23 -1.57
CA ASN A 37 2.90 11.91 -1.31
C ASN A 37 3.60 11.21 -2.48
N VAL A 38 2.91 10.28 -3.10
CA VAL A 38 3.44 9.63 -4.28
C VAL A 38 3.72 10.65 -5.40
N HIS A 39 2.88 11.67 -5.51
CA HIS A 39 3.07 12.72 -6.48
C HIS A 39 4.34 13.52 -6.21
N GLU A 40 4.54 13.90 -4.95
CA GLU A 40 5.77 14.59 -4.52
C GLU A 40 7.04 13.81 -4.89
N VAL A 41 6.99 12.49 -4.71
CA VAL A 41 8.12 11.65 -5.00
C VAL A 41 8.40 11.61 -6.51
N TRP A 42 7.36 11.36 -7.30
CA TRP A 42 7.50 11.45 -8.75
C TRP A 42 8.12 12.78 -9.17
N ALA A 43 7.57 13.87 -8.63
CA ALA A 43 7.98 15.22 -8.96
C ALA A 43 9.42 15.56 -8.58
N LYS A 44 9.85 15.17 -7.39
CA LYS A 44 11.25 15.40 -6.97
C LYS A 44 12.22 14.70 -7.91
N ALA A 45 11.89 13.45 -8.25
CA ALA A 45 12.69 12.67 -9.16
C ALA A 45 12.82 13.36 -10.52
N ALA A 46 11.67 13.61 -11.15
CA ALA A 46 11.64 14.22 -12.48
C ALA A 46 12.46 15.47 -12.50
N ILE A 47 12.17 16.36 -11.56
CA ILE A 47 12.90 17.62 -11.43
C ILE A 47 14.40 17.37 -11.24
N ASP A 48 14.75 16.32 -10.52
CA ASP A 48 16.14 15.96 -10.32
C ASP A 48 16.78 15.56 -11.64
N GLU A 49 16.00 14.96 -12.52
CA GLU A 49 16.48 14.55 -13.83
C GLU A 49 16.35 15.70 -14.85
N GLY A 50 16.21 16.91 -14.36
CA GLY A 50 16.10 18.05 -15.26
C GLY A 50 14.74 18.45 -15.82
N TRP A 51 13.64 17.82 -15.38
CA TRP A 51 12.32 18.29 -15.86
C TRP A 51 11.82 19.56 -15.18
N THR A 52 10.92 20.25 -15.87
CA THR A 52 10.30 21.48 -15.38
C THR A 52 8.89 21.55 -15.92
N TYR A 53 8.09 22.44 -15.34
CA TYR A 53 6.72 22.66 -15.83
C TYR A 53 6.64 23.23 -17.25
N GLY A 54 5.74 22.66 -18.03
CA GLY A 54 5.32 23.24 -19.29
C GLY A 54 3.86 22.91 -19.54
N GLU A 55 3.14 23.83 -20.17
CA GLU A 55 1.74 23.59 -20.49
C GLU A 55 1.60 22.33 -21.33
N LYS A 56 2.57 22.11 -22.21
CA LYS A 56 2.56 20.95 -23.08
C LYS A 56 3.74 20.06 -22.76
N ARG A 57 3.52 18.75 -22.74
CA ARG A 57 4.61 17.82 -22.52
C ARG A 57 5.60 17.88 -23.68
N ASP A 58 6.88 17.98 -23.34
CA ASP A 58 7.95 18.04 -24.33
C ASP A 58 9.16 17.24 -23.85
N ASP A 59 9.32 16.02 -24.37
CA ASP A 59 10.46 15.19 -23.97
C ASP A 59 11.82 15.80 -24.34
N ILE A 60 11.88 16.53 -25.44
CA ILE A 60 13.12 17.16 -25.85
C ILE A 60 13.53 18.23 -24.84
N HIS A 61 12.63 19.13 -24.51
CA HIS A 61 12.93 20.13 -23.50
C HIS A 61 12.59 19.73 -22.05
N LYS A 62 12.25 18.46 -21.85
CA LYS A 62 11.93 17.94 -20.50
C LYS A 62 10.90 18.83 -19.81
N LYS A 63 9.73 18.89 -20.42
CA LYS A 63 8.67 19.77 -19.98
C LYS A 63 7.46 18.93 -19.67
N HIS A 64 6.90 19.15 -18.49
CA HIS A 64 5.75 18.37 -18.05
C HIS A 64 4.70 19.23 -17.37
N PRO A 65 3.44 19.04 -17.75
CA PRO A 65 2.29 19.76 -17.18
C PRO A 65 1.97 19.41 -15.72
N CYS A 66 2.26 18.19 -15.32
CA CYS A 66 1.93 17.77 -13.97
C CYS A 66 2.96 18.08 -12.91
N LEU A 67 3.95 18.91 -13.25
CA LEU A 67 4.93 19.36 -12.27
C LEU A 67 4.42 20.60 -11.57
N VAL A 68 3.30 20.43 -10.88
CA VAL A 68 2.65 21.49 -10.16
C VAL A 68 2.34 20.89 -8.81
N PRO A 69 2.12 21.73 -7.80
CA PRO A 69 1.62 21.22 -6.51
C PRO A 69 0.44 20.29 -6.73
N TYR A 70 0.44 19.17 -6.00
CA TYR A 70 -0.61 18.16 -6.14
C TYR A 70 -2.02 18.75 -6.21
N ASP A 71 -2.28 19.81 -5.42
CA ASP A 71 -3.58 20.47 -5.37
C ASP A 71 -3.99 21.11 -6.69
N GLU A 72 -3.02 21.55 -7.48
CA GLU A 72 -3.32 22.27 -8.70
C GLU A 72 -3.50 21.35 -9.89
N LEU A 73 -3.49 20.06 -9.62
CA LEU A 73 -3.58 19.07 -10.69
C LEU A 73 -5.00 19.00 -11.18
N PRO A 74 -5.18 18.69 -12.46
CA PRO A 74 -6.53 18.41 -12.97
C PRO A 74 -7.11 17.30 -12.14
N GLU A 75 -8.40 17.39 -11.84
CA GLU A 75 -9.10 16.42 -11.03
C GLU A 75 -8.96 14.97 -11.50
N GLU A 76 -8.83 14.76 -12.81
CA GLU A 76 -8.66 13.43 -13.38
C GLU A 76 -7.32 12.83 -12.96
N GLU A 77 -6.32 13.69 -12.79
CA GLU A 77 -5.01 13.21 -12.42
C GLU A 77 -5.00 12.83 -10.94
N LYS A 78 -5.55 13.71 -10.12
CA LYS A 78 -5.78 13.40 -8.71
C LYS A 78 -6.56 12.11 -8.54
N GLU A 79 -7.57 11.93 -9.37
CA GLU A 79 -8.37 10.72 -9.32
C GLU A 79 -7.56 9.49 -9.72
N TYR A 80 -6.74 9.65 -10.74
CA TYR A 80 -5.92 8.54 -11.18
C TYR A 80 -4.95 8.12 -10.07
N ASP A 81 -4.35 9.11 -9.42
CA ASP A 81 -3.40 8.88 -8.37
C ASP A 81 -4.01 8.16 -7.19
N ARG A 82 -5.24 8.53 -6.83
CA ARG A 82 -5.89 7.92 -5.70
C ARG A 82 -6.19 6.47 -5.98
N ASN A 83 -6.71 6.18 -7.17
CA ASN A 83 -7.01 4.81 -7.50
C ASN A 83 -5.79 3.92 -7.57
N THR A 84 -4.70 4.50 -8.05
CA THR A 84 -3.44 3.78 -8.17
C THR A 84 -2.98 3.31 -6.79
N ALA A 85 -2.91 4.26 -5.87
CA ALA A 85 -2.59 3.99 -4.48
C ALA A 85 -3.49 2.91 -3.85
N MSE A 86 -4.81 3.04 -4.02
CA MSE A 86 -5.76 2.06 -3.52
C MSE A 86 -5.51 0.69 -4.13
O MSE A 86 -5.56 -0.30 -3.43
CB MSE A 86 -7.22 2.48 -3.82
CG MSE A 86 -7.73 3.62 -2.96
SE MSE A 86 -7.56 3.29 -1.06
CE MSE A 86 -6.14 4.50 -0.56
N ASN A 87 -5.29 0.65 -5.46
CA ASN A 87 -4.98 -0.62 -6.10
C ASN A 87 -3.76 -1.25 -5.46
N THR A 88 -2.73 -0.45 -5.29
CA THR A 88 -1.51 -0.91 -4.69
C THR A 88 -1.75 -1.57 -3.34
N ILE A 89 -2.44 -0.85 -2.46
CA ILE A 89 -2.71 -1.32 -1.12
C ILE A 89 -3.63 -2.52 -1.12
N LYS A 90 -4.58 -2.54 -2.04
CA LYS A 90 -5.45 -3.69 -2.17
C LYS A 90 -4.67 -4.93 -2.57
N MSE A 91 -3.65 -4.73 -3.38
CA MSE A 91 -2.81 -5.81 -3.87
C MSE A 91 -2.09 -6.49 -2.70
O MSE A 91 -1.99 -7.72 -2.64
CB MSE A 91 -1.82 -5.24 -4.88
CG MSE A 91 -1.15 -6.27 -5.76
SE MSE A 91 -2.42 -7.46 -6.57
CE MSE A 91 -1.19 -8.77 -7.31
N VAL A 92 -1.59 -5.69 -1.77
CA VAL A 92 -1.00 -6.18 -0.54
C VAL A 92 -1.98 -7.10 0.20
N LYS A 93 -3.22 -6.62 0.36
CA LYS A 93 -4.26 -7.41 1.00
C LYS A 93 -4.47 -8.75 0.31
N LYS A 94 -4.63 -8.73 -1.01
CA LYS A 94 -4.82 -9.95 -1.78
C LYS A 94 -3.65 -10.93 -1.64
N LEU A 95 -2.47 -10.41 -1.29
CA LEU A 95 -1.28 -11.25 -1.16
C LEU A 95 -1.15 -11.89 0.23
N GLY A 96 -2.12 -11.65 1.10
CA GLY A 96 -2.11 -12.25 2.41
C GLY A 96 -1.65 -11.38 3.57
N PHE A 97 -1.90 -10.08 3.50
CA PHE A 97 -1.51 -9.21 4.59
C PHE A 97 -2.68 -8.50 5.26
N ARG A 98 -2.57 -8.29 6.57
CA ARG A 98 -3.58 -7.58 7.33
C ARG A 98 -3.19 -6.11 7.37
N ILE A 99 -4.15 -5.24 7.09
CA ILE A 99 -3.95 -3.80 7.25
C ILE A 99 -4.99 -3.30 8.23
N GLU A 100 -4.53 -2.71 9.33
CA GLU A 100 -5.44 -2.27 10.39
C GLU A 100 -4.89 -1.05 11.12
N LYS A 101 -5.78 -0.13 11.47
CA LYS A 101 -5.41 1.06 12.21
C LYS A 101 -4.88 0.70 13.60
N GLU A 102 -3.81 1.36 14.03
CA GLU A 102 -3.25 1.09 15.34
C GLU A 102 -3.73 2.10 16.37
N ASP B 10 8.33 28.27 -8.36
CA ASP B 10 8.17 28.38 -6.92
C ASP B 10 7.82 27.03 -6.29
N TYR B 11 7.67 26.00 -7.11
CA TYR B 11 7.26 24.70 -6.60
C TYR B 11 8.41 23.75 -6.30
N ILE B 12 8.60 23.47 -5.01
CA ILE B 12 9.61 22.52 -4.57
C ILE B 12 8.93 21.32 -3.92
N PRO B 13 8.98 20.16 -4.59
CA PRO B 13 8.42 18.91 -4.07
C PRO B 13 9.10 18.57 -2.77
N GLU B 14 8.32 18.23 -1.74
CA GLU B 14 8.90 17.83 -0.47
C GLU B 14 8.23 16.58 0.08
N PRO B 15 8.58 15.42 -0.51
CA PRO B 15 8.02 14.13 -0.10
C PRO B 15 8.35 13.88 1.35
N MSE B 16 7.55 13.05 2.02
CA MSE B 16 7.83 12.69 3.41
C MSE B 16 9.04 11.76 3.51
O MSE B 16 9.27 10.94 2.62
CB MSE B 16 6.63 12.01 4.01
CG MSE B 16 6.62 12.02 5.51
SE MSE B 16 4.77 12.04 6.10
CE MSE B 16 4.17 13.53 5.01
N ASP B 17 9.79 11.89 4.59
CA ASP B 17 10.90 10.99 4.86
C ASP B 17 10.36 9.67 5.38
N LEU B 18 10.29 8.67 4.50
CA LEU B 18 9.85 7.33 4.88
C LEU B 18 11.04 6.38 5.03
N SER B 19 12.24 6.93 5.04
CA SER B 19 13.47 6.13 5.09
C SER B 19 13.55 5.21 6.31
N LEU B 20 13.10 5.70 7.46
CA LEU B 20 13.13 4.89 8.67
C LEU B 20 11.81 4.16 8.88
N VAL B 21 11.05 3.94 7.82
CA VAL B 21 9.82 3.16 7.95
C VAL B 21 10.11 1.70 7.57
N ASP B 22 9.77 0.79 8.46
CA ASP B 22 10.13 -0.63 8.30
C ASP B 22 8.97 -1.54 7.95
N LEU B 23 9.07 -2.21 6.81
CA LEU B 23 8.06 -3.16 6.36
C LEU B 23 8.48 -4.60 6.60
N PRO B 24 7.50 -5.49 6.78
CA PRO B 24 7.79 -6.92 6.78
C PRO B 24 8.52 -7.36 5.52
N GLU B 25 9.62 -8.05 5.72
CA GLU B 25 10.43 -8.53 4.63
C GLU B 25 9.66 -9.40 3.63
N SER B 26 8.73 -10.19 4.13
CA SER B 26 7.91 -11.04 3.27
C SER B 26 7.11 -10.23 2.28
N LEU B 27 6.81 -8.98 2.65
CA LEU B 27 6.09 -8.09 1.77
C LEU B 27 7.01 -7.51 0.68
N ILE B 28 8.17 -7.03 1.09
CA ILE B 28 9.15 -6.51 0.15
C ILE B 28 9.56 -7.56 -0.85
N GLN B 29 9.61 -8.81 -0.40
CA GLN B 29 9.91 -9.93 -1.30
C GLN B 29 8.95 -9.98 -2.48
N LEU B 30 7.74 -9.48 -2.25
CA LEU B 30 6.69 -9.53 -3.27
C LEU B 30 6.55 -8.22 -4.07
N SER B 31 7.47 -7.29 -3.91
CA SER B 31 7.36 -6.00 -4.57
C SER B 31 7.12 -6.10 -6.09
N GLU B 32 7.77 -7.06 -6.75
CA GLU B 32 7.54 -7.26 -8.19
C GLU B 32 6.11 -7.66 -8.55
N ARG B 33 5.49 -8.54 -7.76
CA ARG B 33 4.11 -8.93 -8.01
C ARG B 33 3.22 -7.70 -8.05
N ILE B 34 3.44 -6.82 -7.07
CA ILE B 34 2.64 -5.64 -6.88
C ILE B 34 2.89 -4.66 -8.01
N ALA B 35 4.17 -4.36 -8.21
CA ALA B 35 4.60 -3.48 -9.30
C ALA B 35 4.07 -3.99 -10.62
N GLU B 36 4.25 -5.28 -10.91
CA GLU B 36 3.66 -5.81 -12.13
C GLU B 36 2.15 -5.58 -12.15
N ASN B 37 1.49 -5.73 -11.02
CA ASN B 37 0.06 -5.50 -11.06
C ASN B 37 -0.35 -4.05 -11.33
N VAL B 38 0.39 -3.11 -10.76
CA VAL B 38 0.10 -1.71 -11.03
C VAL B 38 0.35 -1.38 -12.50
N HIS B 39 1.39 -1.97 -13.06
CA HIS B 39 1.72 -1.82 -14.47
C HIS B 39 0.60 -2.31 -15.36
N GLU B 40 0.05 -3.48 -15.04
CA GLU B 40 -1.11 -4.03 -15.76
C GLU B 40 -2.32 -3.10 -15.74
N VAL B 41 -2.56 -2.47 -14.60
CA VAL B 41 -3.67 -1.55 -14.46
C VAL B 41 -3.42 -0.32 -15.33
N TRP B 42 -2.23 0.26 -15.20
CA TRP B 42 -1.85 1.39 -16.03
C TRP B 42 -2.04 1.08 -17.52
N ALA B 43 -1.56 -0.09 -17.94
CA ALA B 43 -1.56 -0.47 -19.34
C ALA B 43 -2.96 -0.75 -19.89
N LYS B 44 -3.80 -1.44 -19.12
CA LYS B 44 -5.17 -1.66 -19.56
C LYS B 44 -5.91 -0.35 -19.78
N ALA B 45 -5.63 0.63 -18.92
CA ALA B 45 -6.27 1.92 -19.00
C ALA B 45 -5.85 2.66 -20.25
N ALA B 46 -4.53 2.79 -20.42
CA ALA B 46 -3.96 3.50 -21.56
C ALA B 46 -4.45 2.90 -22.84
N ILE B 47 -4.36 1.58 -22.94
CA ILE B 47 -4.82 0.86 -24.12
C ILE B 47 -6.30 1.12 -24.34
N ASP B 48 -7.05 1.24 -23.26
CA ASP B 48 -8.48 1.52 -23.36
C ASP B 48 -8.73 2.92 -23.92
N GLU B 49 -7.74 3.80 -23.79
CA GLU B 49 -7.84 5.14 -24.33
C GLU B 49 -7.13 5.24 -25.68
N GLY B 50 -7.02 4.14 -26.38
CA GLY B 50 -6.39 4.13 -27.69
C GLY B 50 -4.87 4.18 -27.79
N TRP B 51 -4.15 4.08 -26.67
CA TRP B 51 -2.68 4.00 -26.76
C TRP B 51 -2.21 2.64 -27.27
N THR B 52 -1.00 2.62 -27.80
CA THR B 52 -0.41 1.40 -28.34
C THR B 52 1.11 1.53 -28.23
N TYR B 53 1.80 0.41 -28.41
CA TYR B 53 3.26 0.41 -28.32
C TYR B 53 3.92 1.14 -29.47
N GLY B 54 4.86 2.01 -29.13
CA GLY B 54 5.79 2.54 -30.11
C GLY B 54 7.17 2.73 -29.49
N GLU B 55 8.22 2.57 -30.27
CA GLU B 55 9.57 2.75 -29.77
C GLU B 55 9.80 4.16 -29.24
N LYS B 56 9.16 5.13 -29.85
CA LYS B 56 9.24 6.50 -29.33
C LYS B 56 7.87 6.90 -28.78
N ARG B 57 7.87 7.75 -27.78
CA ARG B 57 6.62 8.21 -27.20
C ARG B 57 6.04 9.28 -28.09
N ASP B 58 4.79 9.09 -28.52
CA ASP B 58 4.11 10.11 -29.29
C ASP B 58 2.68 10.36 -28.81
N ASP B 59 2.45 11.51 -28.20
CA ASP B 59 1.11 11.87 -27.74
C ASP B 59 0.12 11.99 -28.90
N ILE B 60 0.59 12.41 -30.06
CA ILE B 60 -0.29 12.55 -31.20
C ILE B 60 -0.80 11.20 -31.70
N HIS B 61 0.09 10.24 -31.90
CA HIS B 61 -0.39 8.92 -32.28
C HIS B 61 -0.62 7.97 -31.12
N LYS B 62 -0.69 8.53 -29.91
CA LYS B 62 -0.94 7.76 -28.69
C LYS B 62 -0.09 6.50 -28.69
N LYS B 63 1.21 6.73 -28.58
CA LYS B 63 2.21 5.71 -28.74
C LYS B 63 3.11 5.74 -27.52
N HIS B 64 3.27 4.58 -26.88
CA HIS B 64 4.07 4.48 -25.67
C HIS B 64 4.94 3.22 -25.67
N PRO B 65 6.23 3.39 -25.38
CA PRO B 65 7.19 2.27 -25.38
C PRO B 65 7.13 1.36 -24.15
N CYS B 66 6.39 1.74 -23.12
CA CYS B 66 6.23 0.88 -21.96
C CYS B 66 4.97 0.04 -22.00
N LEU B 67 4.30 0.02 -23.15
CA LEU B 67 3.14 -0.86 -23.31
C LEU B 67 3.59 -2.21 -23.76
N VAL B 68 4.26 -2.92 -22.87
CA VAL B 68 4.79 -4.24 -23.13
C VAL B 68 4.55 -5.02 -21.85
N PRO B 69 4.57 -6.35 -21.93
CA PRO B 69 4.56 -7.15 -20.69
C PRO B 69 5.53 -6.57 -19.68
N TYR B 70 5.11 -6.50 -18.42
CA TYR B 70 5.96 -5.96 -17.37
C TYR B 70 7.41 -6.48 -17.40
N ASP B 71 7.56 -7.76 -17.77
CA ASP B 71 8.88 -8.39 -17.88
C ASP B 71 9.79 -7.83 -18.96
N GLU B 72 9.21 -7.26 -20.02
CA GLU B 72 10.00 -6.71 -21.11
C GLU B 72 10.53 -5.33 -20.78
N LEU B 73 9.99 -4.73 -19.74
CA LEU B 73 10.36 -3.37 -19.38
C LEU B 73 11.83 -3.24 -19.09
N PRO B 74 12.43 -2.10 -19.45
CA PRO B 74 13.81 -1.82 -19.07
C PRO B 74 13.87 -1.87 -17.57
N GLU B 75 14.97 -2.36 -17.03
CA GLU B 75 15.09 -2.67 -15.62
C GLU B 75 14.89 -1.43 -14.72
N GLU B 76 15.22 -0.26 -15.24
CA GLU B 76 15.02 0.97 -14.48
C GLU B 76 13.54 1.35 -14.37
N GLU B 77 12.74 0.92 -15.34
CA GLU B 77 11.30 1.15 -15.22
C GLU B 77 10.76 0.26 -14.12
N LYS B 78 11.11 -1.01 -14.17
CA LYS B 78 10.81 -1.97 -13.11
C LYS B 78 11.28 -1.49 -11.75
N GLU B 79 12.49 -0.98 -11.69
CA GLU B 79 13.00 -0.46 -10.44
C GLU B 79 12.10 0.68 -9.95
N TYR B 80 11.67 1.52 -10.87
CA TYR B 80 10.87 2.66 -10.49
C TYR B 80 9.54 2.21 -9.92
N ASP B 81 8.92 1.23 -10.59
CA ASP B 81 7.61 0.74 -10.20
C ASP B 81 7.63 0.08 -8.84
N ARG B 82 8.72 -0.62 -8.56
CA ARG B 82 8.86 -1.33 -7.31
C ARG B 82 9.00 -0.33 -6.21
N ASN B 83 9.76 0.73 -6.46
CA ASN B 83 9.98 1.73 -5.42
C ASN B 83 8.75 2.54 -5.16
N THR B 84 8.00 2.81 -6.22
CA THR B 84 6.77 3.56 -6.09
C THR B 84 5.79 2.79 -5.20
N ALA B 85 5.64 1.51 -5.49
CA ALA B 85 4.79 0.65 -4.67
C ALA B 85 5.21 0.61 -3.19
N MSE B 86 6.50 0.46 -2.93
CA MSE B 86 7.00 0.41 -1.56
C MSE B 86 6.74 1.73 -0.86
O MSE B 86 6.40 1.74 0.32
CB MSE B 86 8.50 0.07 -1.53
CG MSE B 86 8.79 -1.38 -1.89
SE MSE B 86 8.02 -2.64 -0.64
CE MSE B 86 6.69 -3.50 -1.78
N ASN B 87 6.90 2.83 -1.58
CA ASN B 87 6.62 4.14 -0.99
C ASN B 87 5.16 4.28 -0.61
N THR B 88 4.28 3.75 -1.42
CA THR B 88 2.87 3.82 -1.17
C THR B 88 2.54 3.10 0.14
N ILE B 89 3.08 1.89 0.27
CA ILE B 89 2.86 1.07 1.44
C ILE B 89 3.51 1.62 2.70
N LYS B 90 4.70 2.16 2.54
CA LYS B 90 5.38 2.77 3.68
C LYS B 90 4.54 3.90 4.26
N MSE B 91 3.94 4.66 3.36
CA MSE B 91 3.12 5.80 3.68
C MSE B 91 1.90 5.39 4.53
O MSE B 91 1.56 6.07 5.49
CB MSE B 91 2.69 6.48 2.36
CG MSE B 91 2.07 7.83 2.54
SE MSE B 91 3.22 9.12 3.45
CE MSE B 91 1.86 10.38 4.01
N VAL B 92 1.26 4.29 4.14
CA VAL B 92 0.17 3.71 4.92
C VAL B 92 0.63 3.41 6.36
N LYS B 93 1.78 2.77 6.49
CA LYS B 93 2.36 2.49 7.79
C LYS B 93 2.61 3.78 8.58
N LYS B 94 3.18 4.77 7.92
CA LYS B 94 3.46 6.06 8.52
C LYS B 94 2.19 6.76 9.00
N LEU B 95 1.05 6.36 8.44
CA LEU B 95 -0.23 6.98 8.78
C LEU B 95 -0.96 6.25 9.91
N GLY B 96 -0.24 5.40 10.64
CA GLY B 96 -0.80 4.72 11.78
C GLY B 96 -1.53 3.43 11.46
N PHE B 97 -1.08 2.73 10.44
CA PHE B 97 -1.66 1.43 10.12
C PHE B 97 -0.67 0.30 10.31
N ARG B 98 -1.20 -0.88 10.57
CA ARG B 98 -0.38 -2.05 10.85
C ARG B 98 -0.45 -2.95 9.63
N ILE B 99 0.70 -3.44 9.17
CA ILE B 99 0.74 -4.44 8.09
C ILE B 99 1.44 -5.69 8.59
N GLU B 100 0.82 -6.85 8.38
CA GLU B 100 1.33 -8.11 8.88
C GLU B 100 0.78 -9.24 8.03
N LYS B 101 1.62 -10.25 7.78
CA LYS B 101 1.18 -11.41 7.04
C LYS B 101 0.13 -12.16 7.89
N GLU B 102 -0.85 -12.76 7.21
CA GLU B 102 -1.91 -13.51 7.87
C GLU B 102 -1.46 -14.91 8.32
N ASP B 103 -2.31 -15.57 9.10
CA ASP B 103 -2.11 -16.97 9.46
C ASP B 103 -3.44 -17.67 9.76
N ASP C 10 -30.78 8.90 32.96
CA ASP C 10 -30.41 10.14 32.28
C ASP C 10 -30.36 9.98 30.75
N TYR C 11 -29.31 10.50 30.13
CA TYR C 11 -29.25 10.55 28.66
C TYR C 11 -28.47 9.39 28.06
N ILE C 12 -29.21 8.45 27.47
CA ILE C 12 -28.64 7.35 26.69
C ILE C 12 -28.89 7.61 25.21
N PRO C 13 -27.86 8.09 24.48
CA PRO C 13 -28.06 8.32 23.06
C PRO C 13 -28.32 7.01 22.34
N GLU C 14 -29.37 6.95 21.54
CA GLU C 14 -29.65 5.77 20.74
C GLU C 14 -29.71 6.14 19.26
N PRO C 15 -28.53 6.24 18.64
CA PRO C 15 -28.36 6.63 17.24
C PRO C 15 -28.88 5.55 16.32
N MSE C 16 -29.36 5.94 15.16
CA MSE C 16 -29.66 4.98 14.13
C MSE C 16 -28.34 4.42 13.62
O MSE C 16 -27.37 5.16 13.45
CB MSE C 16 -30.44 5.62 12.98
CG MSE C 16 -31.17 4.62 12.12
SE MSE C 16 -31.96 5.49 10.59
CE MSE C 16 -33.05 4.02 9.94
N ASP C 17 -28.30 3.12 13.40
CA ASP C 17 -27.07 2.44 13.04
C ASP C 17 -26.70 2.67 11.57
N LEU C 18 -25.58 3.34 11.34
CA LEU C 18 -25.11 3.60 9.98
C LEU C 18 -23.97 2.68 9.58
N SER C 19 -23.70 1.69 10.42
CA SER C 19 -22.51 0.86 10.23
C SER C 19 -22.52 0.06 8.91
N LEU C 20 -23.70 -0.30 8.44
CA LEU C 20 -23.80 -1.12 7.24
C LEU C 20 -24.14 -0.32 5.98
N VAL C 21 -24.12 1.01 6.07
CA VAL C 21 -24.40 1.80 4.89
C VAL C 21 -23.16 1.82 3.98
N ASP C 22 -23.35 1.52 2.70
CA ASP C 22 -22.23 1.48 1.76
C ASP C 22 -22.19 2.66 0.78
N LEU C 23 -21.22 3.53 1.01
CA LEU C 23 -20.95 4.66 0.14
C LEU C 23 -20.05 4.21 -1.00
N PRO C 24 -20.06 4.96 -2.12
CA PRO C 24 -19.08 4.70 -3.17
C PRO C 24 -17.66 5.08 -2.71
N GLU C 25 -16.71 4.23 -3.05
CA GLU C 25 -15.30 4.46 -2.70
C GLU C 25 -14.79 5.81 -3.19
N SER C 26 -15.18 6.19 -4.42
CA SER C 26 -14.86 7.53 -4.94
C SER C 26 -15.23 8.67 -4.00
N LEU C 27 -16.27 8.45 -3.21
CA LEU C 27 -16.73 9.47 -2.27
C LEU C 27 -15.94 9.45 -0.97
N ILE C 28 -15.69 8.26 -0.43
CA ILE C 28 -14.89 8.17 0.78
C ILE C 28 -13.47 8.69 0.54
N GLN C 29 -12.96 8.51 -0.69
CA GLN C 29 -11.64 9.03 -1.05
C GLN C 29 -11.61 10.54 -0.91
N LEU C 30 -12.78 11.16 -1.03
CA LEU C 30 -12.89 12.62 -0.93
C LEU C 30 -13.27 13.18 0.46
N SER C 31 -13.34 12.33 1.48
CA SER C 31 -13.60 12.77 2.88
C SER C 31 -12.87 14.05 3.28
N GLU C 32 -11.54 14.08 3.09
CA GLU C 32 -10.73 15.24 3.46
C GLU C 32 -11.11 16.51 2.70
N ARG C 33 -11.34 16.38 1.39
CA ARG C 33 -11.67 17.56 0.60
C ARG C 33 -12.96 18.12 1.17
N ILE C 34 -13.93 17.24 1.39
CA ILE C 34 -15.18 17.64 1.99
C ILE C 34 -15.00 18.24 3.38
N ALA C 35 -14.29 17.55 4.26
CA ALA C 35 -14.11 18.05 5.61
C ALA C 35 -13.42 19.41 5.62
N GLU C 36 -12.44 19.56 4.74
CA GLU C 36 -11.67 20.78 4.71
C GLU C 36 -12.55 21.96 4.29
N ASN C 37 -13.42 21.75 3.30
CA ASN C 37 -14.25 22.84 2.84
C ASN C 37 -15.31 23.17 3.84
N VAL C 38 -15.85 22.15 4.51
CA VAL C 38 -16.82 22.39 5.58
C VAL C 38 -16.14 23.17 6.70
N HIS C 39 -14.89 22.82 6.98
CA HIS C 39 -14.12 23.56 7.97
C HIS C 39 -13.90 25.01 7.56
N GLU C 40 -13.74 25.25 6.27
CA GLU C 40 -13.43 26.59 5.77
C GLU C 40 -14.66 27.51 5.74
N VAL C 41 -15.76 26.99 5.19
CA VAL C 41 -17.03 27.70 5.17
C VAL C 41 -17.38 28.14 6.59
N TRP C 42 -17.24 27.21 7.52
CA TRP C 42 -17.34 27.52 8.94
C TRP C 42 -16.47 28.71 9.28
N ALA C 43 -15.17 28.54 9.16
CA ALA C 43 -14.20 29.57 9.52
C ALA C 43 -14.50 30.95 8.94
N LYS C 44 -14.93 31.00 7.68
CA LYS C 44 -15.19 32.28 7.04
C LYS C 44 -16.33 33.00 7.71
N ALA C 45 -17.30 32.24 8.18
CA ALA C 45 -18.45 32.82 8.84
C ALA C 45 -18.09 33.28 10.26
N ALA C 46 -17.34 32.44 10.97
CA ALA C 46 -16.94 32.75 12.33
C ALA C 46 -16.11 34.02 12.38
N ILE C 47 -15.17 34.14 11.44
CA ILE C 47 -14.29 35.31 11.39
C ILE C 47 -15.06 36.61 11.12
N ASP C 48 -16.12 36.53 10.30
CA ASP C 48 -16.99 37.68 10.08
C ASP C 48 -17.77 37.96 11.35
N GLU C 49 -17.81 36.99 12.25
CA GLU C 49 -18.46 37.15 13.54
C GLU C 49 -17.41 37.45 14.62
N GLY C 50 -16.42 38.25 14.25
CA GLY C 50 -15.43 38.75 15.20
C GLY C 50 -14.67 37.69 15.98
N TRP C 51 -14.66 36.46 15.47
CA TRP C 51 -13.93 35.39 16.12
C TRP C 51 -12.46 35.41 15.74
N THR C 52 -11.61 34.98 16.67
CA THR C 52 -10.17 34.93 16.44
C THR C 52 -9.59 33.65 17.03
N TYR C 53 -8.30 33.42 16.79
CA TYR C 53 -7.62 32.24 17.30
C TYR C 53 -7.19 32.43 18.75
N GLY C 54 -6.96 31.31 19.44
CA GLY C 54 -6.39 31.30 20.77
C GLY C 54 -5.68 30.00 21.04
N GLU C 55 -4.72 30.00 21.97
CA GLU C 55 -3.99 28.79 22.31
C GLU C 55 -4.91 27.84 23.09
N LYS C 56 -5.95 28.41 23.69
CA LYS C 56 -7.04 27.66 24.31
C LYS C 56 -8.36 28.31 23.89
N ARG C 57 -9.48 27.78 24.38
CA ARG C 57 -10.79 28.31 24.01
C ARG C 57 -11.18 29.49 24.89
N ASP C 58 -11.92 30.43 24.32
CA ASP C 58 -12.43 31.59 25.07
C ASP C 58 -13.66 32.16 24.37
N ASP C 59 -14.76 32.27 25.10
CA ASP C 59 -16.04 32.65 24.52
C ASP C 59 -16.28 34.15 24.55
N ILE C 60 -15.69 34.82 25.55
CA ILE C 60 -15.85 36.26 25.72
C ILE C 60 -14.91 37.03 24.80
N HIS C 61 -13.64 36.65 24.80
CA HIS C 61 -12.63 37.30 23.97
C HIS C 61 -12.55 36.66 22.59
N LYS C 62 -13.35 35.62 22.39
CA LYS C 62 -13.47 34.94 21.10
C LYS C 62 -12.16 34.37 20.56
N LYS C 63 -11.39 33.73 21.42
CA LYS C 63 -10.14 33.10 21.02
C LYS C 63 -10.31 31.58 20.89
N HIS C 64 -10.36 31.11 19.64
CA HIS C 64 -10.72 29.73 19.33
C HIS C 64 -9.50 28.96 18.79
N PRO C 65 -9.16 27.82 19.41
CA PRO C 65 -7.97 27.06 19.04
C PRO C 65 -8.08 26.34 17.70
N CYS C 66 -9.26 26.36 17.08
CA CYS C 66 -9.45 25.65 15.81
C CYS C 66 -9.74 26.58 14.63
N LEU C 67 -9.61 27.88 14.86
CA LEU C 67 -9.69 28.84 13.77
C LEU C 67 -8.35 28.96 13.09
N VAL C 68 -7.92 27.85 12.49
CA VAL C 68 -6.65 27.80 11.79
C VAL C 68 -6.86 26.95 10.54
N PRO C 69 -6.00 27.12 9.53
CA PRO C 69 -6.07 26.29 8.32
C PRO C 69 -6.34 24.84 8.67
N TYR C 70 -7.27 24.24 7.94
CA TYR C 70 -7.63 22.85 8.17
C TYR C 70 -6.41 21.96 8.30
N ASP C 71 -5.39 22.24 7.51
CA ASP C 71 -4.18 21.41 7.49
C ASP C 71 -3.37 21.55 8.76
N GLU C 72 -3.61 22.63 9.50
CA GLU C 72 -2.87 22.89 10.73
C GLU C 72 -3.53 22.16 11.89
N LEU C 73 -4.73 21.66 11.65
CA LEU C 73 -5.49 20.99 12.70
C LEU C 73 -4.80 19.72 13.14
N PRO C 74 -5.05 19.31 14.40
CA PRO C 74 -4.68 17.99 14.92
C PRO C 74 -5.35 16.92 14.08
N GLU C 75 -4.72 15.77 13.99
CA GLU C 75 -5.28 14.68 13.20
C GLU C 75 -6.61 14.22 13.78
N GLU C 76 -6.75 14.35 15.11
CA GLU C 76 -7.95 13.94 15.82
C GLU C 76 -9.14 14.79 15.40
N GLU C 77 -8.91 16.10 15.31
CA GLU C 77 -9.93 17.00 14.80
C GLU C 77 -10.26 16.71 13.32
N LYS C 78 -9.24 16.45 12.52
CA LYS C 78 -9.45 16.08 11.13
C LYS C 78 -10.26 14.80 11.06
N GLU C 79 -9.96 13.90 11.98
CA GLU C 79 -10.62 12.59 12.01
C GLU C 79 -12.08 12.71 12.39
N TYR C 80 -12.37 13.58 13.35
CA TYR C 80 -13.75 13.86 13.70
C TYR C 80 -14.44 14.47 12.48
N ASP C 81 -13.80 15.48 11.91
CA ASP C 81 -14.29 16.18 10.74
C ASP C 81 -14.66 15.26 9.57
N ARG C 82 -13.83 14.28 9.30
CA ARG C 82 -14.07 13.33 8.21
C ARG C 82 -15.19 12.34 8.53
N ASN C 83 -15.21 11.88 9.78
CA ASN C 83 -16.22 10.94 10.22
C ASN C 83 -17.61 11.56 10.26
N THR C 84 -17.69 12.76 10.81
CA THR C 84 -18.93 13.52 10.80
C THR C 84 -19.45 13.68 9.38
N ALA C 85 -18.54 13.99 8.45
CA ALA C 85 -18.92 14.10 7.06
C ALA C 85 -19.46 12.80 6.52
N MSE C 86 -18.73 11.72 6.70
CA MSE C 86 -19.19 10.42 6.21
C MSE C 86 -20.51 9.99 6.89
O MSE C 86 -21.38 9.40 6.25
CB MSE C 86 -18.10 9.35 6.35
CG MSE C 86 -16.94 9.48 5.34
SE MSE C 86 -17.46 9.66 3.45
CE MSE C 86 -17.14 11.56 3.22
N ASN C 87 -20.65 10.29 8.18
CA ASN C 87 -21.89 10.01 8.90
C ASN C 87 -23.07 10.76 8.29
N THR C 88 -22.91 12.06 8.07
CA THR C 88 -23.94 12.85 7.43
C THR C 88 -24.39 12.22 6.12
N ILE C 89 -23.42 11.78 5.32
CA ILE C 89 -23.75 11.28 3.99
C ILE C 89 -24.44 9.91 4.02
N LYS C 90 -23.98 9.06 4.92
CA LYS C 90 -24.62 7.77 5.15
C LYS C 90 -26.08 7.95 5.57
N MSE C 91 -26.30 8.88 6.48
CA MSE C 91 -27.64 9.24 6.90
C MSE C 91 -28.52 9.65 5.71
O MSE C 91 -29.67 9.20 5.60
CB MSE C 91 -27.57 10.35 7.95
CG MSE C 91 -28.86 10.55 8.75
SE MSE C 91 -29.61 8.89 9.46
CE MSE C 91 -31.26 9.63 10.19
N VAL C 92 -27.98 10.45 4.82
CA VAL C 92 -28.67 10.79 3.58
C VAL C 92 -29.05 9.55 2.75
N LYS C 93 -28.13 8.60 2.66
CA LYS C 93 -28.41 7.37 1.91
C LYS C 93 -29.45 6.52 2.63
N LYS C 94 -29.38 6.57 3.96
CA LYS C 94 -30.33 5.83 4.79
C LYS C 94 -31.74 6.36 4.56
N LEU C 95 -31.85 7.69 4.47
CA LEU C 95 -33.14 8.32 4.34
C LEU C 95 -33.79 8.14 2.98
N GLY C 96 -33.29 7.20 2.19
CA GLY C 96 -33.84 6.93 0.89
C GLY C 96 -33.33 7.79 -0.26
N PHE C 97 -32.08 8.24 -0.19
CA PHE C 97 -31.51 8.92 -1.35
C PHE C 97 -30.40 8.13 -2.06
N ARG C 98 -30.38 8.26 -3.38
CA ARG C 98 -29.33 7.70 -4.22
C ARG C 98 -28.16 8.67 -4.34
N ILE C 99 -26.95 8.14 -4.21
CA ILE C 99 -25.73 8.91 -4.39
C ILE C 99 -24.77 8.18 -5.29
N GLU C 100 -24.57 8.70 -6.49
CA GLU C 100 -23.77 8.08 -7.53
C GLU C 100 -22.87 9.12 -8.13
N LYS C 101 -21.68 8.72 -8.57
CA LYS C 101 -20.81 9.65 -9.27
C LYS C 101 -21.39 9.90 -10.66
N GLU C 102 -21.53 11.17 -11.02
CA GLU C 102 -21.99 11.54 -12.35
C GLU C 102 -20.97 11.08 -13.38
N ASP C 103 -21.39 10.20 -14.28
CA ASP C 103 -20.51 9.64 -15.29
C ASP C 103 -20.81 10.21 -16.67
N TYR D 11 -4.04 34.17 8.35
CA TYR D 11 -4.95 33.14 7.88
C TYR D 11 -6.26 33.73 7.38
N ILE D 12 -6.57 33.46 6.13
CA ILE D 12 -7.83 33.90 5.54
C ILE D 12 -8.54 32.79 4.78
N PRO D 13 -9.70 32.34 5.31
CA PRO D 13 -10.56 31.30 4.74
C PRO D 13 -10.89 31.55 3.28
N GLU D 14 -10.81 30.51 2.46
CA GLU D 14 -11.22 30.60 1.07
C GLU D 14 -12.16 29.46 0.71
N PRO D 15 -13.32 29.41 1.37
CA PRO D 15 -14.29 28.33 1.13
C PRO D 15 -14.77 28.34 -0.30
N MSE D 16 -14.67 27.20 -0.98
CA MSE D 16 -15.24 27.04 -2.31
C MSE D 16 -16.71 27.35 -2.16
O MSE D 16 -17.41 26.68 -1.40
CB MSE D 16 -15.06 25.60 -2.77
CG MSE D 16 -15.12 25.41 -4.27
SE MSE D 16 -15.32 23.53 -4.72
CE MSE D 16 -13.57 22.88 -4.16
N ASP D 17 -17.18 28.37 -2.85
CA ASP D 17 -18.54 28.86 -2.62
C ASP D 17 -19.63 27.88 -3.02
N LEU D 18 -20.58 27.68 -2.12
CA LEU D 18 -21.60 26.66 -2.28
C LEU D 18 -22.97 27.28 -2.56
N SER D 19 -23.03 28.61 -2.59
CA SER D 19 -24.27 29.36 -2.79
C SER D 19 -25.09 28.94 -3.99
N LEU D 20 -24.41 28.49 -5.04
CA LEU D 20 -25.10 28.13 -6.27
C LEU D 20 -25.59 26.69 -6.29
N VAL D 21 -25.17 25.89 -5.31
CA VAL D 21 -25.57 24.48 -5.30
C VAL D 21 -27.02 24.33 -4.85
N ASP D 22 -27.82 23.65 -5.65
CA ASP D 22 -29.23 23.45 -5.36
C ASP D 22 -29.52 22.00 -5.06
N LEU D 23 -29.78 21.71 -3.79
CA LEU D 23 -30.12 20.36 -3.33
C LEU D 23 -31.60 20.11 -3.53
N PRO D 24 -31.99 18.83 -3.65
CA PRO D 24 -33.43 18.53 -3.71
C PRO D 24 -34.11 18.99 -2.43
N GLU D 25 -35.26 19.62 -2.58
CA GLU D 25 -35.96 20.21 -1.44
C GLU D 25 -36.40 19.15 -0.40
N SER D 26 -36.72 17.96 -0.86
CA SER D 26 -37.10 16.88 0.01
C SER D 26 -35.95 16.50 0.94
N LEU D 27 -34.73 16.70 0.45
CA LEU D 27 -33.58 16.49 1.31
C LEU D 27 -33.44 17.59 2.36
N ILE D 28 -33.60 18.85 1.96
CA ILE D 28 -33.46 19.95 2.93
C ILE D 28 -34.53 19.84 3.99
N GLN D 29 -35.69 19.34 3.60
CA GLN D 29 -36.78 19.08 4.54
C GLN D 29 -36.31 18.14 5.67
N LEU D 30 -35.42 17.22 5.32
CA LEU D 30 -34.95 16.19 6.24
C LEU D 30 -33.70 16.59 6.97
N SER D 31 -33.32 17.85 6.85
CA SER D 31 -32.06 18.30 7.44
C SER D 31 -32.07 18.21 8.95
N GLU D 32 -33.25 18.30 9.57
N GLU D 32 -33.25 18.32 9.56
CA GLU D 32 -33.35 18.16 11.01
CA GLU D 32 -33.42 18.14 11.01
C GLU D 32 -33.08 16.72 11.49
C GLU D 32 -33.06 16.72 11.47
N ARG D 33 -33.61 15.72 10.78
CA ARG D 33 -33.34 14.31 11.11
C ARG D 33 -31.87 13.99 11.02
N ILE D 34 -31.27 14.37 9.89
CA ILE D 34 -29.87 14.18 9.66
C ILE D 34 -29.05 14.76 10.80
N ALA D 35 -29.24 16.03 11.09
CA ALA D 35 -28.45 16.66 12.15
C ALA D 35 -28.67 16.03 13.51
N GLU D 36 -29.89 15.60 13.78
CA GLU D 36 -30.20 14.92 15.03
C GLU D 36 -29.38 13.63 15.16
N ASN D 37 -29.48 12.78 14.13
CA ASN D 37 -28.80 11.51 14.15
C ASN D 37 -27.30 11.63 14.15
N VAL D 38 -26.77 12.69 13.55
CA VAL D 38 -25.33 12.90 13.56
C VAL D 38 -24.90 13.27 14.96
N HIS D 39 -25.76 13.99 15.66
CA HIS D 39 -25.52 14.34 17.05
C HIS D 39 -25.60 13.12 17.99
N GLU D 40 -26.54 12.21 17.71
CA GLU D 40 -26.74 11.04 18.55
C GLU D 40 -25.58 10.08 18.42
N VAL D 41 -25.23 9.78 17.17
CA VAL D 41 -24.02 9.03 16.85
C VAL D 41 -22.84 9.65 17.57
N TRP D 42 -22.72 10.97 17.46
CA TRP D 42 -21.63 11.64 18.14
C TRP D 42 -21.65 11.45 19.64
N ALA D 43 -22.81 11.69 20.23
CA ALA D 43 -22.99 11.67 21.68
C ALA D 43 -22.68 10.33 22.29
N LYS D 44 -23.10 9.26 21.59
CA LYS D 44 -22.92 7.89 22.06
C LYS D 44 -21.47 7.53 22.11
N ALA D 45 -20.77 7.80 21.01
CA ALA D 45 -19.34 7.62 20.91
C ALA D 45 -18.64 8.38 22.01
N ALA D 46 -19.09 9.60 22.30
CA ALA D 46 -18.46 10.40 23.34
C ALA D 46 -18.72 9.78 24.70
N ILE D 47 -19.96 9.37 24.93
CA ILE D 47 -20.32 8.74 26.19
C ILE D 47 -19.57 7.42 26.41
N ASP D 48 -19.38 6.67 25.33
CA ASP D 48 -18.66 5.39 25.39
C ASP D 48 -17.15 5.56 25.57
N GLU D 49 -16.66 6.79 25.43
CA GLU D 49 -15.28 7.11 25.73
C GLU D 49 -15.27 7.94 27.01
N GLY D 50 -16.35 7.82 27.77
CA GLY D 50 -16.42 8.40 29.10
C GLY D 50 -16.65 9.90 29.17
N TRP D 51 -17.41 10.44 28.23
CA TRP D 51 -17.68 11.86 28.28
C TRP D 51 -18.96 12.15 29.03
N THR D 52 -19.04 13.35 29.59
CA THR D 52 -20.10 13.74 30.50
C THR D 52 -20.49 15.16 30.23
N TYR D 53 -21.69 15.54 30.65
CA TYR D 53 -22.16 16.91 30.50
C TYR D 53 -21.40 17.89 31.38
N GLY D 54 -21.13 19.07 30.84
CA GLY D 54 -20.49 20.14 31.58
C GLY D 54 -20.89 21.48 31.00
N GLU D 55 -21.24 22.44 31.86
CA GLU D 55 -21.64 23.79 31.44
C GLU D 55 -20.63 24.44 30.48
N LYS D 56 -19.35 24.29 30.80
CA LYS D 56 -18.27 24.72 29.92
C LYS D 56 -17.39 23.52 29.61
N ARG D 57 -16.87 23.46 28.39
CA ARG D 57 -16.07 22.32 27.95
C ARG D 57 -14.76 22.15 28.74
N ASP D 58 -14.63 21.05 29.46
CA ASP D 58 -13.37 20.71 30.11
C ASP D 58 -12.72 19.51 29.42
N ASP D 59 -11.65 19.77 28.69
CA ASP D 59 -11.01 18.75 27.87
C ASP D 59 -10.38 17.63 28.69
N ILE D 60 -9.85 17.98 29.86
CA ILE D 60 -9.18 17.00 30.72
C ILE D 60 -10.20 16.19 31.54
N HIS D 61 -11.38 16.76 31.77
CA HIS D 61 -12.40 16.12 32.61
C HIS D 61 -13.48 15.41 31.82
N LYS D 62 -13.31 15.36 30.50
CA LYS D 62 -14.32 14.79 29.61
C LYS D 62 -15.70 15.38 29.82
N LYS D 63 -15.77 16.71 29.68
CA LYS D 63 -17.01 17.46 29.82
C LYS D 63 -17.34 18.25 28.55
N HIS D 64 -18.62 18.24 28.18
CA HIS D 64 -19.11 18.95 27.00
C HIS D 64 -20.52 19.48 27.31
N PRO D 65 -20.87 20.65 26.76
CA PRO D 65 -22.19 21.25 27.02
C PRO D 65 -23.27 20.81 26.03
N CYS D 66 -22.87 20.06 25.01
CA CYS D 66 -23.81 19.61 23.99
C CYS D 66 -24.22 18.16 24.22
N LEU D 67 -23.71 17.56 25.29
CA LEU D 67 -23.99 16.17 25.60
C LEU D 67 -25.38 15.95 26.18
N VAL D 68 -26.39 16.54 25.55
CA VAL D 68 -27.77 16.39 25.99
C VAL D 68 -28.57 15.85 24.81
N PRO D 69 -29.86 15.55 25.00
CA PRO D 69 -30.63 15.17 23.81
C PRO D 69 -30.73 16.31 22.83
N TYR D 70 -30.73 15.96 21.55
CA TYR D 70 -30.73 16.91 20.46
C TYR D 70 -31.78 18.02 20.61
N ASP D 71 -33.06 17.64 20.75
CA ASP D 71 -34.16 18.63 20.90
C ASP D 71 -33.94 19.68 21.97
N GLU D 72 -33.03 19.43 22.90
CA GLU D 72 -32.79 20.35 24.00
C GLU D 72 -31.59 21.24 23.81
N LEU D 73 -30.95 21.17 22.65
CA LEU D 73 -29.85 22.08 22.35
C LEU D 73 -30.43 23.46 22.12
N PRO D 74 -29.62 24.52 22.32
CA PRO D 74 -30.06 25.85 21.90
C PRO D 74 -30.33 25.86 20.40
N GLU D 75 -31.22 26.73 19.97
CA GLU D 75 -31.65 26.76 18.58
C GLU D 75 -30.47 27.03 17.66
N GLU D 76 -29.59 27.92 18.10
CA GLU D 76 -28.40 28.27 17.33
C GLU D 76 -27.53 27.05 17.09
N GLU D 77 -27.41 26.18 18.09
CA GLU D 77 -26.66 24.94 17.91
C GLU D 77 -27.29 24.04 16.86
N LYS D 78 -28.62 24.01 16.83
CA LYS D 78 -29.35 23.20 15.88
C LYS D 78 -29.15 23.78 14.49
N GLU D 79 -29.16 25.10 14.43
CA GLU D 79 -28.91 25.84 13.19
C GLU D 79 -27.58 25.40 12.62
N TYR D 80 -26.55 25.51 13.44
CA TYR D 80 -25.21 25.12 13.04
C TYR D 80 -25.23 23.70 12.49
N ASP D 81 -25.87 22.79 13.21
CA ASP D 81 -25.88 21.39 12.81
C ASP D 81 -26.58 21.16 11.46
N ARG D 82 -27.72 21.81 11.27
CA ARG D 82 -28.46 21.65 10.02
C ARG D 82 -27.65 22.25 8.86
N ASN D 83 -27.01 23.38 9.14
CA ASN D 83 -26.19 24.05 8.13
C ASN D 83 -24.94 23.29 7.75
N THR D 84 -24.29 22.68 8.74
CA THR D 84 -23.10 21.90 8.52
C THR D 84 -23.48 20.67 7.71
N ALA D 85 -24.63 20.11 8.00
CA ALA D 85 -25.05 18.93 7.27
C ALA D 85 -25.36 19.29 5.81
N MSE D 86 -26.05 20.41 5.61
CA MSE D 86 -26.47 20.81 4.30
C MSE D 86 -25.24 21.19 3.48
O MSE D 86 -25.14 20.84 2.30
CB MSE D 86 -27.49 21.95 4.34
CG MSE D 86 -28.96 21.52 4.51
SE MSE D 86 -29.55 19.82 3.67
CE MSE D 86 -29.09 18.56 5.10
N ASN D 87 -24.32 21.88 4.12
CA ASN D 87 -23.07 22.23 3.45
C ASN D 87 -22.26 21.00 2.99
N THR D 88 -22.24 19.97 3.83
CA THR D 88 -21.54 18.74 3.52
C THR D 88 -22.10 18.10 2.26
N ILE D 89 -23.42 18.11 2.16
CA ILE D 89 -24.09 17.47 1.03
C ILE D 89 -23.95 18.32 -0.23
N LYS D 90 -23.79 19.61 -0.04
CA LYS D 90 -23.59 20.51 -1.15
C LYS D 90 -22.19 20.28 -1.70
N MSE D 91 -21.23 20.03 -0.82
CA MSE D 91 -19.87 19.73 -1.25
C MSE D 91 -19.82 18.44 -2.06
O MSE D 91 -19.07 18.30 -3.01
CB MSE D 91 -18.92 19.67 -0.07
CG MSE D 91 -18.01 20.89 0.04
SE MSE D 91 -16.95 21.16 -1.60
CE MSE D 91 -15.52 19.89 -1.26
N VAL D 92 -20.64 17.48 -1.66
CA VAL D 92 -20.71 16.22 -2.38
C VAL D 92 -21.25 16.45 -3.79
N LYS D 93 -22.31 17.25 -3.88
CA LYS D 93 -22.87 17.65 -5.18
C LYS D 93 -21.79 18.31 -6.04
N LYS D 94 -21.14 19.32 -5.48
CA LYS D 94 -20.14 20.06 -6.23
C LYS D 94 -18.99 19.20 -6.74
N LEU D 95 -18.74 18.08 -6.07
CA LEU D 95 -17.62 17.23 -6.46
C LEU D 95 -17.98 16.21 -7.53
N GLY D 96 -19.16 16.34 -8.11
CA GLY D 96 -19.54 15.50 -9.22
C GLY D 96 -20.44 14.33 -8.87
N PHE D 97 -21.19 14.45 -7.78
CA PHE D 97 -22.10 13.38 -7.40
C PHE D 97 -23.56 13.74 -7.59
N ARG D 98 -24.32 12.78 -8.09
CA ARG D 98 -25.75 12.94 -8.19
C ARG D 98 -26.42 12.48 -6.90
N ILE D 99 -27.36 13.29 -6.43
CA ILE D 99 -28.15 12.97 -5.26
C ILE D 99 -29.61 13.10 -5.63
N GLU D 100 -30.30 11.97 -5.69
CA GLU D 100 -31.70 11.96 -6.09
C GLU D 100 -32.50 11.05 -5.17
N LYS D 101 -33.71 11.48 -4.81
CA LYS D 101 -34.60 10.64 -4.02
C LYS D 101 -34.96 9.38 -4.79
N GLU D 102 -35.01 8.25 -4.08
CA GLU D 102 -35.37 6.96 -4.66
C GLU D 102 -36.89 6.81 -4.78
N ASP D 103 -37.42 6.98 -5.99
CA ASP D 103 -38.86 6.83 -6.21
C ASP D 103 -39.18 5.40 -6.62
N ASP E 10 17.54 -36.55 19.11
CA ASP E 10 18.96 -36.79 18.87
C ASP E 10 19.60 -35.76 17.91
N TYR E 11 18.87 -35.35 16.86
CA TYR E 11 19.34 -34.28 15.99
C TYR E 11 18.68 -32.95 16.33
N ILE E 12 19.47 -32.03 16.86
CA ILE E 12 19.00 -30.69 17.18
C ILE E 12 19.79 -29.66 16.38
N PRO E 13 19.19 -29.13 15.31
CA PRO E 13 19.95 -28.21 14.45
C PRO E 13 20.15 -26.92 15.21
N GLU E 14 21.38 -26.41 15.22
CA GLU E 14 21.62 -25.13 15.85
C GLU E 14 22.24 -24.16 14.85
N PRO E 15 21.38 -23.55 14.02
CA PRO E 15 21.76 -22.60 12.96
C PRO E 15 22.39 -21.36 13.55
N MSE E 16 23.26 -20.71 12.80
CA MSE E 16 23.74 -19.40 13.18
C MSE E 16 22.59 -18.47 12.95
O MSE E 16 21.83 -18.65 12.00
CB MSE E 16 24.93 -18.99 12.34
CG MSE E 16 25.75 -17.88 12.92
SE MSE E 16 27.23 -17.45 11.74
CE MSE E 16 28.23 -16.27 12.93
N ASP E 17 22.44 -17.48 13.82
CA ASP E 17 21.30 -16.60 13.75
C ASP E 17 21.44 -15.49 12.68
N LEU E 18 20.50 -15.46 11.74
CA LEU E 18 20.52 -14.47 10.67
C LEU E 18 19.44 -13.39 10.82
N SER E 19 18.77 -13.37 11.98
CA SER E 19 17.70 -12.41 12.24
C SER E 19 18.13 -10.97 12.02
N LEU E 20 19.27 -10.62 12.58
CA LEU E 20 19.70 -9.24 12.64
C LEU E 20 20.57 -8.83 11.47
N VAL E 21 20.68 -9.69 10.46
CA VAL E 21 21.42 -9.32 9.28
C VAL E 21 20.57 -8.41 8.37
N ASP E 22 21.13 -7.27 7.97
CA ASP E 22 20.43 -6.33 7.10
C ASP E 22 20.92 -6.37 5.66
N LEU E 23 20.06 -6.81 4.77
CA LEU E 23 20.30 -6.73 3.33
C LEU E 23 19.75 -5.42 2.77
N PRO E 24 20.31 -4.98 1.63
CA PRO E 24 19.71 -3.81 0.95
C PRO E 24 18.31 -4.12 0.44
N GLU E 25 17.40 -3.16 0.60
CA GLU E 25 16.02 -3.33 0.17
C GLU E 25 15.91 -3.61 -1.32
N SER E 26 16.78 -2.98 -2.13
CA SER E 26 16.81 -3.30 -3.55
C SER E 26 17.09 -4.77 -3.81
N LEU E 27 17.78 -5.41 -2.87
CA LEU E 27 18.08 -6.82 -3.08
C LEU E 27 16.93 -7.72 -2.68
N ILE E 28 16.30 -7.44 -1.54
CA ILE E 28 15.12 -8.21 -1.14
C ILE E 28 14.00 -8.11 -2.19
N GLN E 29 13.85 -6.93 -2.78
CA GLN E 29 12.88 -6.70 -3.86
C GLN E 29 13.07 -7.64 -5.04
N LEU E 30 14.32 -8.06 -5.25
CA LEU E 30 14.63 -8.96 -6.34
C LEU E 30 14.61 -10.45 -5.99
N SER E 31 14.22 -10.79 -4.76
CA SER E 31 14.28 -12.20 -4.36
C SER E 31 13.46 -13.20 -5.20
N GLU E 32 12.35 -12.78 -5.77
CA GLU E 32 11.62 -13.65 -6.70
C GLU E 32 12.42 -13.90 -7.97
N ARG E 33 13.14 -12.87 -8.42
CA ARG E 33 13.88 -12.97 -9.67
C ARG E 33 14.99 -13.96 -9.40
N ILE E 34 15.69 -13.75 -8.30
CA ILE E 34 16.71 -14.68 -7.85
C ILE E 34 16.17 -16.11 -7.74
N ALA E 35 15.07 -16.29 -7.00
CA ALA E 35 14.54 -17.64 -6.79
C ALA E 35 14.09 -18.31 -8.08
N GLU E 36 13.52 -17.52 -8.97
CA GLU E 36 13.02 -18.05 -10.22
C GLU E 36 14.17 -18.53 -11.10
N ASN E 37 15.30 -17.84 -11.08
CA ASN E 37 16.40 -18.24 -11.94
C ASN E 37 17.12 -19.42 -11.35
N VAL E 38 17.30 -19.42 -10.03
CA VAL E 38 17.82 -20.58 -9.33
C VAL E 38 16.95 -21.81 -9.64
N HIS E 39 15.65 -21.64 -9.64
CA HIS E 39 14.75 -22.72 -10.02
C HIS E 39 14.92 -23.19 -11.47
N GLU E 40 15.15 -22.25 -12.39
CA GLU E 40 15.29 -22.60 -13.80
C GLU E 40 16.62 -23.28 -14.12
N VAL E 41 17.72 -22.73 -13.59
CA VAL E 41 19.03 -23.34 -13.73
C VAL E 41 18.97 -24.79 -13.25
N TRP E 42 18.35 -24.99 -12.09
CA TRP E 42 18.02 -26.32 -11.59
C TRP E 42 17.32 -27.16 -12.65
N ALA E 43 16.08 -26.81 -12.96
CA ALA E 43 15.26 -27.56 -13.92
C ALA E 43 15.99 -27.84 -15.23
N LYS E 44 16.81 -26.88 -15.66
CA LYS E 44 17.58 -27.00 -16.90
C LYS E 44 18.57 -28.15 -16.80
N ALA E 45 19.05 -28.39 -15.59
CA ALA E 45 20.01 -29.47 -15.38
C ALA E 45 19.25 -30.76 -15.13
N ALA E 46 18.18 -30.68 -14.33
CA ALA E 46 17.42 -31.86 -13.93
C ALA E 46 16.75 -32.57 -15.10
N ILE E 47 16.23 -31.79 -16.04
CA ILE E 47 15.57 -32.35 -17.22
C ILE E 47 16.59 -33.07 -18.10
N ASP E 48 17.85 -32.66 -17.96
CA ASP E 48 18.96 -33.31 -18.65
C ASP E 48 19.48 -34.50 -17.84
N GLU E 49 18.81 -34.79 -16.73
CA GLU E 49 19.05 -35.99 -15.96
C GLU E 49 17.84 -36.90 -16.15
N GLY E 50 17.22 -36.81 -17.33
CA GLY E 50 16.08 -37.65 -17.67
C GLY E 50 14.88 -37.45 -16.77
N TRP E 51 14.87 -36.34 -16.05
CA TRP E 51 13.77 -36.04 -15.15
C TRP E 51 12.58 -35.45 -15.89
N THR E 52 11.40 -35.82 -15.44
CA THR E 52 10.16 -35.30 -16.01
C THR E 52 9.18 -34.98 -14.89
N TYR E 53 8.04 -34.40 -15.25
CA TYR E 53 7.05 -34.03 -14.26
C TYR E 53 6.25 -35.25 -13.81
N GLY E 54 5.65 -35.12 -12.64
CA GLY E 54 4.64 -36.05 -12.16
C GLY E 54 3.76 -35.31 -11.17
N GLU E 55 2.53 -35.77 -10.95
CA GLU E 55 1.67 -35.13 -9.97
C GLU E 55 2.19 -35.42 -8.57
N LYS E 56 2.99 -36.47 -8.45
CA LYS E 56 3.67 -36.82 -7.21
C LYS E 56 5.12 -37.20 -7.50
N ARG E 57 5.92 -37.31 -6.45
CA ARG E 57 7.36 -37.56 -6.59
C ARG E 57 7.63 -39.02 -6.95
N ASP E 58 8.59 -39.26 -7.83
CA ASP E 58 9.00 -40.63 -8.20
C ASP E 58 10.50 -40.70 -8.51
N ASP E 59 11.23 -41.42 -7.66
CA ASP E 59 12.69 -41.33 -7.61
C ASP E 59 13.45 -41.94 -8.80
N ILE E 60 13.00 -43.09 -9.30
CA ILE E 60 13.68 -43.73 -10.43
C ILE E 60 12.79 -43.75 -11.66
N HIS E 61 11.51 -43.50 -11.47
CA HIS E 61 10.61 -43.22 -12.59
C HIS E 61 10.91 -41.84 -13.18
N LYS E 62 11.64 -41.04 -12.42
CA LYS E 62 12.06 -39.68 -12.81
C LYS E 62 10.91 -38.69 -12.95
N LYS E 63 9.86 -38.87 -12.14
CA LYS E 63 8.76 -37.91 -12.09
C LYS E 63 8.90 -37.00 -10.87
N HIS E 64 8.60 -35.73 -11.05
CA HIS E 64 8.78 -34.73 -10.01
C HIS E 64 7.68 -33.68 -10.09
N PRO E 65 7.06 -33.35 -8.95
CA PRO E 65 5.92 -32.43 -8.91
C PRO E 65 6.28 -30.96 -9.14
N CYS E 66 7.54 -30.60 -8.88
CA CYS E 66 7.94 -29.20 -8.96
C CYS E 66 8.76 -28.86 -10.20
N LEU E 67 8.84 -29.80 -11.15
CA LEU E 67 9.52 -29.56 -12.43
C LEU E 67 8.62 -28.82 -13.39
N VAL E 68 8.16 -27.66 -12.97
CA VAL E 68 7.25 -26.86 -13.76
C VAL E 68 7.73 -25.41 -13.69
N PRO E 69 7.31 -24.57 -14.65
CA PRO E 69 7.62 -23.14 -14.60
C PRO E 69 7.42 -22.59 -13.20
N TYR E 70 8.41 -21.85 -12.73
CA TYR E 70 8.41 -21.29 -11.38
C TYR E 70 7.07 -20.65 -11.00
N ASP E 71 6.43 -19.97 -11.93
CA ASP E 71 5.18 -19.26 -11.65
C ASP E 71 4.01 -20.22 -11.45
N GLU E 72 4.18 -21.46 -11.90
CA GLU E 72 3.15 -22.48 -11.70
C GLU E 72 3.25 -23.14 -10.33
N LEU E 73 4.42 -23.00 -9.70
CA LEU E 73 4.64 -23.55 -8.36
C LEU E 73 3.62 -23.00 -7.40
N PRO E 74 3.29 -23.76 -6.33
CA PRO E 74 2.43 -23.28 -5.26
C PRO E 74 3.18 -22.22 -4.46
N GLU E 75 2.44 -21.28 -3.89
CA GLU E 75 3.04 -20.12 -3.24
C GLU E 75 4.06 -20.52 -2.20
N GLU E 76 3.73 -21.54 -1.44
CA GLU E 76 4.55 -21.97 -0.32
C GLU E 76 5.91 -22.46 -0.79
N GLU E 77 5.94 -23.14 -1.93
CA GLU E 77 7.20 -23.50 -2.56
C GLU E 77 7.99 -22.30 -3.08
N LYS E 78 7.30 -21.30 -3.61
CA LYS E 78 7.96 -20.07 -4.01
C LYS E 78 8.49 -19.38 -2.77
N GLU E 79 7.73 -19.48 -1.68
CA GLU E 79 8.10 -18.81 -0.44
C GLU E 79 9.31 -19.47 0.21
N TYR E 80 9.38 -20.79 0.09
CA TYR E 80 10.58 -21.50 0.49
C TYR E 80 11.74 -21.00 -0.36
N ASP E 81 11.54 -20.98 -1.68
CA ASP E 81 12.61 -20.62 -2.61
C ASP E 81 13.21 -19.24 -2.35
N ARG E 82 12.37 -18.27 -2.01
CA ARG E 82 12.83 -16.90 -1.78
C ARG E 82 13.55 -16.76 -0.45
N ASN E 83 13.07 -17.50 0.55
CA ASN E 83 13.65 -17.45 1.89
C ASN E 83 15.02 -18.10 1.94
N THR E 84 15.12 -19.26 1.31
CA THR E 84 16.40 -19.93 1.11
C THR E 84 17.37 -18.99 0.40
N ALA E 85 16.85 -18.24 -0.57
CA ALA E 85 17.69 -17.30 -1.30
C ALA E 85 18.18 -16.20 -0.39
N MSE E 86 17.26 -15.60 0.36
CA MSE E 86 17.62 -14.54 1.29
C MSE E 86 18.55 -15.03 2.43
O MSE E 86 19.46 -14.32 2.84
CB MSE E 86 16.35 -13.87 1.84
CG MSE E 86 15.61 -12.98 0.82
SE MSE E 86 16.70 -11.55 0.04
CE MSE E 86 17.14 -12.33 -1.65
N ASN E 87 18.32 -16.25 2.93
CA ASN E 87 19.21 -16.83 3.92
C ASN E 87 20.64 -17.00 3.41
N THR E 88 20.77 -17.53 2.20
CA THR E 88 22.07 -17.69 1.59
C THR E 88 22.83 -16.38 1.53
N ILE E 89 22.12 -15.31 1.17
CA ILE E 89 22.75 -14.01 1.00
C ILE E 89 23.13 -13.40 2.33
N LYS E 90 22.28 -13.61 3.32
CA LYS E 90 22.55 -13.15 4.69
C LYS E 90 23.80 -13.83 5.23
N MSE E 91 23.88 -15.14 5.01
CA MSE E 91 25.02 -15.91 5.41
C MSE E 91 26.30 -15.35 4.81
O MSE E 91 27.31 -15.23 5.51
CB MSE E 91 24.83 -17.39 5.04
CG MSE E 91 25.81 -18.34 5.72
SE MSE E 91 25.93 -18.07 7.66
CE MSE E 91 27.40 -19.31 8.05
N VAL E 92 26.25 -14.97 3.54
CA VAL E 92 27.37 -14.35 2.87
C VAL E 92 27.78 -13.03 3.54
N LYS E 93 26.80 -12.24 3.96
CA LYS E 93 27.12 -10.99 4.65
C LYS E 93 27.73 -11.25 6.04
N LYS E 94 27.17 -12.23 6.74
CA LYS E 94 27.64 -12.65 8.06
C LYS E 94 29.11 -13.05 8.00
N LEU E 95 29.48 -13.72 6.94
CA LEU E 95 30.85 -14.18 6.77
C LEU E 95 31.83 -13.06 6.41
N GLY E 96 31.38 -11.82 6.47
CA GLY E 96 32.26 -10.69 6.23
C GLY E 96 32.43 -10.26 4.78
N PHE E 97 31.37 -10.35 4.00
CA PHE E 97 31.39 -9.76 2.67
C PHE E 97 30.42 -8.57 2.53
N ARG E 98 30.90 -7.51 1.86
CA ARG E 98 30.06 -6.39 1.45
C ARG E 98 29.12 -6.79 0.32
N ILE E 99 27.86 -6.41 0.45
CA ILE E 99 26.90 -6.53 -0.65
C ILE E 99 26.23 -5.20 -0.90
N GLU E 100 26.54 -4.61 -2.04
CA GLU E 100 26.21 -3.21 -2.32
C GLU E 100 25.76 -3.08 -3.75
N LYS E 101 24.70 -2.33 -3.99
CA LYS E 101 24.26 -2.08 -5.37
C LYS E 101 25.29 -1.22 -6.07
N GLU E 102 25.58 -1.54 -7.33
CA GLU E 102 26.47 -0.70 -8.13
C GLU E 102 25.63 0.30 -8.93
N ASP E 103 26.23 1.44 -9.26
CA ASP E 103 25.56 2.45 -10.08
C ASP E 103 25.49 2.04 -11.55
N TYR F 11 7.27 -27.52 -21.33
CA TYR F 11 8.06 -26.58 -20.54
C TYR F 11 9.56 -26.75 -20.80
N ILE F 12 10.18 -25.69 -21.32
CA ILE F 12 11.61 -25.70 -21.54
C ILE F 12 12.27 -24.61 -20.73
N PRO F 13 13.03 -25.00 -19.69
CA PRO F 13 13.84 -24.12 -18.85
C PRO F 13 14.75 -23.20 -19.65
N GLU F 14 14.61 -21.90 -19.45
CA GLU F 14 15.52 -20.94 -20.08
C GLU F 14 16.21 -20.04 -19.06
N PRO F 15 17.09 -20.63 -18.25
CA PRO F 15 17.79 -19.92 -17.18
C PRO F 15 18.75 -18.90 -17.74
N MSE F 16 18.71 -17.68 -17.23
CA MSE F 16 19.72 -16.70 -17.57
C MSE F 16 21.08 -17.29 -17.23
O MSE F 16 21.33 -17.66 -16.09
CB MSE F 16 19.47 -15.40 -16.80
CG MSE F 16 20.45 -14.29 -17.13
SE MSE F 16 20.17 -12.77 -15.96
CE MSE F 16 19.36 -11.56 -17.27
N ASP F 17 21.95 -17.41 -18.22
CA ASP F 17 23.21 -18.12 -18.03
C ASP F 17 24.18 -17.42 -17.09
N LEU F 18 24.69 -18.18 -16.12
CA LEU F 18 25.56 -17.65 -15.08
C LEU F 18 27.01 -18.15 -15.18
N SER F 19 27.30 -18.86 -16.26
CA SER F 19 28.61 -19.46 -16.48
C SER F 19 29.75 -18.44 -16.51
N LEU F 20 29.46 -17.22 -16.90
CA LEU F 20 30.51 -16.23 -17.03
C LEU F 20 30.58 -15.28 -15.84
N VAL F 21 29.85 -15.60 -14.76
CA VAL F 21 29.90 -14.80 -13.55
C VAL F 21 31.06 -15.25 -12.68
N ASP F 22 31.94 -14.31 -12.33
CA ASP F 22 33.11 -14.63 -11.54
C ASP F 22 33.05 -14.10 -10.11
N LEU F 23 32.83 -15.01 -9.16
CA LEU F 23 32.76 -14.65 -7.75
C LEU F 23 34.15 -14.64 -7.15
N PRO F 24 34.37 -13.84 -6.09
CA PRO F 24 35.68 -13.92 -5.43
C PRO F 24 35.91 -15.34 -4.93
N GLU F 25 37.08 -15.89 -5.19
CA GLU F 25 37.33 -17.27 -4.79
C GLU F 25 37.29 -17.47 -3.26
N SER F 26 37.63 -16.44 -2.49
CA SER F 26 37.54 -16.53 -1.05
C SER F 26 36.09 -16.81 -0.63
N LEU F 27 35.13 -16.33 -1.42
CA LEU F 27 33.74 -16.67 -1.18
C LEU F 27 33.43 -18.13 -1.56
N ILE F 28 33.87 -18.58 -2.72
CA ILE F 28 33.65 -19.99 -3.13
C ILE F 28 34.30 -20.99 -2.17
N GLN F 29 35.39 -20.56 -1.53
CA GLN F 29 36.01 -21.40 -0.52
C GLN F 29 35.05 -21.68 0.64
N LEU F 30 34.14 -20.74 0.87
CA LEU F 30 33.17 -20.85 1.94
C LEU F 30 31.81 -21.40 1.54
N SER F 31 31.73 -22.00 0.35
CA SER F 31 30.51 -22.67 -0.11
C SER F 31 29.95 -23.63 0.91
N GLU F 32 30.80 -24.50 1.46
CA GLU F 32 30.37 -25.51 2.42
C GLU F 32 29.72 -24.91 3.64
N ARG F 33 30.36 -23.87 4.16
CA ARG F 33 29.89 -23.24 5.38
C ARG F 33 28.51 -22.65 5.13
N ILE F 34 28.38 -21.93 4.01
CA ILE F 34 27.12 -21.35 3.58
C ILE F 34 26.04 -22.42 3.42
N ALA F 35 26.33 -23.48 2.69
CA ALA F 35 25.32 -24.51 2.44
C ALA F 35 24.92 -25.23 3.71
N GLU F 36 25.88 -25.38 4.62
CA GLU F 36 25.62 -26.06 5.88
C GLU F 36 24.66 -25.26 6.73
N ASN F 37 24.87 -23.95 6.78
CA ASN F 37 24.08 -23.11 7.64
C ASN F 37 22.68 -22.93 7.09
N VAL F 38 22.58 -22.95 5.78
CA VAL F 38 21.30 -22.89 5.12
C VAL F 38 20.52 -24.18 5.37
N HIS F 39 21.23 -25.29 5.46
CA HIS F 39 20.64 -26.58 5.85
C HIS F 39 20.12 -26.57 7.29
N GLU F 40 20.91 -25.97 8.18
CA GLU F 40 20.61 -25.97 9.61
C GLU F 40 19.40 -25.13 9.90
N VAL F 41 19.38 -23.94 9.32
CA VAL F 41 18.24 -23.05 9.42
C VAL F 41 17.02 -23.81 8.94
N TRP F 42 17.15 -24.46 7.80
CA TRP F 42 16.03 -25.19 7.24
C TRP F 42 15.54 -26.31 8.13
N ALA F 43 16.45 -27.10 8.65
CA ALA F 43 16.12 -28.28 9.45
C ALA F 43 15.44 -27.92 10.75
N LYS F 44 15.93 -26.85 11.39
CA LYS F 44 15.37 -26.38 12.64
C LYS F 44 13.94 -25.98 12.45
N ALA F 45 13.68 -25.22 11.39
CA ALA F 45 12.34 -24.74 11.11
C ALA F 45 11.46 -25.91 10.74
N ALA F 46 12.06 -26.95 10.15
CA ALA F 46 11.30 -28.16 9.87
C ALA F 46 11.03 -28.92 11.16
N ILE F 47 12.05 -29.05 12.02
CA ILE F 47 11.89 -29.64 13.35
C ILE F 47 10.75 -28.98 14.13
N ASP F 48 10.71 -27.65 14.08
CA ASP F 48 9.73 -26.85 14.83
C ASP F 48 8.29 -26.99 14.34
N GLU F 49 8.12 -27.31 13.05
CA GLU F 49 6.79 -27.58 12.53
C GLU F 49 6.46 -29.04 12.81
N GLY F 50 7.46 -29.79 13.25
CA GLY F 50 7.25 -31.17 13.67
C GLY F 50 7.67 -32.18 12.63
N TRP F 51 8.66 -31.82 11.82
CA TRP F 51 9.12 -32.75 10.81
C TRP F 51 10.07 -33.76 11.43
N THR F 52 10.14 -34.92 10.80
CA THR F 52 10.94 -36.02 11.29
C THR F 52 11.68 -36.66 10.15
N TYR F 53 12.68 -37.48 10.46
CA TYR F 53 13.42 -38.21 9.45
C TYR F 53 12.61 -39.38 8.90
N GLY F 54 12.68 -39.56 7.59
CA GLY F 54 12.07 -40.68 6.92
C GLY F 54 12.90 -41.02 5.70
N GLU F 55 13.12 -42.31 5.45
CA GLU F 55 13.99 -42.77 4.36
C GLU F 55 13.62 -42.17 3.01
N LYS F 56 12.36 -42.33 2.62
CA LYS F 56 11.87 -41.79 1.36
C LYS F 56 10.44 -41.25 1.53
N ASP F 58 8.43 -37.79 1.86
CA ASP F 58 7.05 -38.15 2.16
C ASP F 58 6.39 -37.20 3.15
N ASP F 59 5.55 -36.30 2.64
CA ASP F 59 5.00 -35.20 3.42
C ASP F 59 3.67 -35.49 4.12
N ILE F 60 3.04 -36.61 3.79
CA ILE F 60 1.81 -36.99 4.47
C ILE F 60 2.03 -37.23 5.96
N HIS F 61 3.19 -37.80 6.30
CA HIS F 61 3.54 -38.10 7.69
C HIS F 61 4.59 -37.13 8.23
N LYS F 62 4.79 -36.02 7.52
CA LYS F 62 5.72 -34.99 7.94
C LYS F 62 7.13 -35.55 8.11
N LYS F 63 7.56 -36.30 7.11
CA LYS F 63 8.89 -36.93 7.12
C LYS F 63 9.75 -36.50 5.93
N HIS F 64 11.07 -36.53 6.12
CA HIS F 64 12.00 -36.00 5.13
C HIS F 64 13.41 -36.61 5.30
N PRO F 65 14.01 -37.07 4.20
CA PRO F 65 15.29 -37.80 4.19
C PRO F 65 16.53 -36.95 4.50
N CYS F 66 16.44 -35.64 4.35
CA CYS F 66 17.60 -34.78 4.56
C CYS F 66 17.70 -34.25 5.99
N LEU F 67 16.69 -34.54 6.81
CA LEU F 67 16.67 -34.10 8.20
C LEU F 67 17.72 -34.80 9.06
N VAL F 68 18.97 -34.59 8.74
CA VAL F 68 20.08 -35.15 9.50
C VAL F 68 21.08 -34.03 9.59
N PRO F 69 22.17 -34.23 10.33
CA PRO F 69 23.18 -33.17 10.28
C PRO F 69 23.77 -33.06 8.88
N TYR F 70 24.20 -31.85 8.54
CA TYR F 70 24.71 -31.58 7.22
C TYR F 70 25.85 -32.52 6.78
N ASP F 71 26.84 -32.71 7.67
CA ASP F 71 28.00 -33.56 7.34
C ASP F 71 27.65 -35.01 7.02
N GLU F 72 26.43 -35.43 7.35
CA GLU F 72 26.03 -36.80 7.08
C GLU F 72 25.13 -36.96 5.85
N LEU F 73 24.93 -35.89 5.10
CA LEU F 73 24.17 -35.99 3.87
C LEU F 73 25.01 -36.71 2.83
N PRO F 74 24.37 -37.38 1.88
CA PRO F 74 25.07 -37.92 0.72
C PRO F 74 25.82 -36.80 -0.02
N GLU F 75 26.98 -37.14 -0.56
CA GLU F 75 27.85 -36.18 -1.20
C GLU F 75 27.15 -35.39 -2.33
N GLU F 76 26.27 -36.07 -3.05
CA GLU F 76 25.53 -35.45 -4.12
C GLU F 76 24.58 -34.39 -3.55
N GLU F 77 24.08 -34.61 -2.34
CA GLU F 77 23.22 -33.62 -1.71
C GLU F 77 24.01 -32.40 -1.30
N LYS F 78 25.27 -32.60 -0.93
CA LYS F 78 26.16 -31.50 -0.59
C LYS F 78 26.54 -30.69 -1.83
N GLU F 79 26.78 -31.40 -2.94
CA GLU F 79 27.15 -30.78 -4.21
C GLU F 79 26.03 -29.83 -4.59
N TYR F 80 24.81 -30.37 -4.63
CA TYR F 80 23.63 -29.59 -4.93
C TYR F 80 23.60 -28.35 -4.05
N ASP F 81 23.68 -28.55 -2.73
CA ASP F 81 23.59 -27.42 -1.81
C ASP F 81 24.63 -26.33 -2.06
N ARG F 82 25.86 -26.73 -2.33
CA ARG F 82 26.93 -25.76 -2.54
C ARG F 82 26.70 -25.02 -3.86
N ASN F 83 26.12 -25.74 -4.81
CA ASN F 83 25.85 -25.21 -6.13
C ASN F 83 24.68 -24.24 -6.17
N THR F 84 23.63 -24.57 -5.42
CA THR F 84 22.47 -23.71 -5.33
C THR F 84 22.88 -22.43 -4.63
N ALA F 85 23.76 -22.55 -3.66
CA ALA F 85 24.23 -21.38 -2.95
C ALA F 85 25.03 -20.50 -3.91
N MSE F 86 25.95 -21.12 -4.65
CA MSE F 86 26.83 -20.38 -5.52
C MSE F 86 26.04 -19.73 -6.64
O MSE F 86 26.29 -18.58 -7.01
CB MSE F 86 27.97 -21.25 -6.06
CG MSE F 86 29.13 -21.48 -5.08
SE MSE F 86 29.75 -19.93 -4.04
CE MSE F 86 28.87 -20.26 -2.33
N ASN F 87 25.07 -20.45 -7.17
CA ASN F 87 24.22 -19.87 -8.19
C ASN F 87 23.39 -18.67 -7.67
N THR F 88 22.87 -18.77 -6.45
CA THR F 88 22.15 -17.66 -5.82
C THR F 88 23.02 -16.41 -5.79
N ILE F 89 24.28 -16.59 -5.44
CA ILE F 89 25.18 -15.45 -5.26
C ILE F 89 25.61 -14.83 -6.60
N LYS F 90 25.71 -15.68 -7.62
CA LYS F 90 26.06 -15.25 -8.96
C LYS F 90 24.94 -14.41 -9.51
N MSE F 91 23.73 -14.92 -9.37
CA MSE F 91 22.52 -14.20 -9.74
C MSE F 91 22.49 -12.81 -9.10
O MSE F 91 22.08 -11.84 -9.72
CB MSE F 91 21.29 -15.02 -9.36
CG MSE F 91 20.01 -14.62 -10.09
SE MSE F 91 20.26 -14.17 -11.98
CE MSE F 91 18.43 -13.60 -12.35
N VAL F 92 22.96 -12.72 -7.87
CA VAL F 92 23.02 -11.43 -7.21
C VAL F 92 24.02 -10.52 -7.90
N LYS F 93 25.19 -11.06 -8.21
CA LYS F 93 26.21 -10.35 -8.99
C LYS F 93 25.66 -9.87 -10.35
N LYS F 94 25.05 -10.80 -11.07
CA LYS F 94 24.48 -10.53 -12.38
C LYS F 94 23.45 -9.40 -12.36
N LEU F 95 22.73 -9.27 -11.25
CA LEU F 95 21.71 -8.25 -11.11
C LEU F 95 22.26 -6.91 -10.68
N GLY F 96 23.57 -6.75 -10.74
CA GLY F 96 24.15 -5.45 -10.52
C GLY F 96 24.55 -5.15 -9.09
N PHE F 97 24.87 -6.20 -8.33
CA PHE F 97 25.36 -5.97 -6.98
C PHE F 97 26.84 -6.28 -6.88
N ARG F 98 27.52 -5.54 -6.02
CA ARG F 98 28.92 -5.75 -5.76
C ARG F 98 29.08 -6.61 -4.50
N ILE F 99 29.89 -7.65 -4.64
CA ILE F 99 30.17 -8.55 -3.54
C ILE F 99 31.67 -8.65 -3.37
N GLU F 100 32.20 -8.05 -2.32
CA GLU F 100 33.62 -8.12 -2.07
C GLU F 100 33.93 -8.31 -0.58
N LYS F 101 34.90 -9.18 -0.29
CA LYS F 101 35.35 -9.40 1.08
C LYS F 101 35.85 -8.08 1.66
N GLU F 102 35.45 -7.77 2.88
CA GLU F 102 35.91 -6.56 3.54
C GLU F 102 37.13 -6.80 4.44
N ASP F 103 37.94 -5.78 4.62
CA ASP F 103 39.12 -5.87 5.49
C ASP F 103 38.76 -5.51 6.93
C1 GOL G . -13.18 -0.62 8.46
O1 GOL G . -14.02 0.16 7.62
C2 GOL G . -13.19 -0.08 9.89
O2 GOL G . -13.52 -1.13 10.77
C3 GOL G . -11.83 0.50 10.28
O3 GOL G . -11.58 1.72 9.61
C1 GOL H . 15.03 2.50 3.63
O1 GOL H . 15.43 2.03 2.35
C2 GOL H . 15.28 1.46 4.71
O2 GOL H . 14.06 0.94 5.19
C3 GOL H . 16.15 0.33 4.18
O3 GOL H . 16.68 -0.43 5.25
C1 GOL I . 8.40 -11.02 7.32
O1 GOL I . 7.03 -11.36 7.46
C2 GOL I . 8.80 -10.01 8.39
O2 GOL I . 8.17 -10.30 9.62
C3 GOL I . 10.32 -9.99 8.57
O3 GOL I . 10.79 -8.66 8.61
C1 GOL J . -18.03 1.54 -6.29
O1 GOL J . -17.47 1.86 -5.03
C2 GOL J . -18.35 2.82 -7.08
O2 GOL J . -18.61 2.53 -8.44
C3 GOL J . -17.26 3.89 -6.97
O3 GOL J . -17.76 5.06 -7.60
C1 GOL K . 19.45 -0.26 1.61
O1 GOL K . 18.21 -0.69 2.13
C2 GOL K . 19.24 0.60 0.37
O2 GOL K . 20.47 0.86 -0.27
C3 GOL K . 18.26 -0.08 -0.59
O3 GOL K . 18.96 -0.75 -1.62
#